data_7MKY
#
_entry.id   7MKY
#
_cell.length_a   113.371
_cell.length_b   39.206
_cell.length_c   38.803
_cell.angle_alpha   90.000
_cell.angle_beta   97.980
_cell.angle_gamma   90.000
#
_symmetry.space_group_name_H-M   'C 1 2 1'
#
loop_
_entity.id
_entity.type
_entity.pdbx_description
1 polymer 'RNA (66-MER)'
2 non-polymer 'COBALT HEXAMMINE(III)'
3 non-polymer 'POTASSIUM ION'
4 non-polymer 'MAGNESIUM ION'
5 non-polymer 'SODIUM ION'
6 non-polymer (4S)-2-METHYL-2,4-PENTANEDIOL
7 water water
#
_entity_poly.entity_id   1
_entity_poly.type   'polyribonucleotide'
_entity_poly.pdbx_seq_one_letter_code
;CGGUGUAAGUGCAGCCCGUCUUACACCGUGCGGCACAGCGGAAACGCUGAUGUCGUAUACAGGGCU
;
_entity_poly.pdbx_strand_id   A
#
loop_
_chem_comp.id
_chem_comp.type
_chem_comp.name
_chem_comp.formula
A RNA linking ADENOSINE-5'-MONOPHOSPHATE 'C10 H14 N5 O7 P'
C RNA linking CYTIDINE-5'-MONOPHOSPHATE 'C9 H14 N3 O8 P'
G RNA linking GUANOSINE-5'-MONOPHOSPHATE 'C10 H14 N5 O8 P'
K non-polymer 'POTASSIUM ION' 'K 1'
MG non-polymer 'MAGNESIUM ION' 'Mg 2'
MPD non-polymer (4S)-2-METHYL-2,4-PENTANEDIOL 'C6 H14 O2'
NA non-polymer 'SODIUM ION' 'Na 1'
NCO non-polymer 'COBALT HEXAMMINE(III)' 'Co H18 N6 3'
U RNA linking URIDINE-5'-MONOPHOSPHATE 'C9 H13 N2 O9 P'
#
# COMPACT_ATOMS: atom_id res chain seq x y z
CO NCO B . 3.27 -6.32 -29.18
N1 NCO B . 1.41 -6.62 -29.84
N2 NCO B . 5.13 -6.06 -28.52
N3 NCO B . 3.46 -4.80 -30.43
N4 NCO B . 3.91 -7.60 -30.55
N5 NCO B . 3.04 -7.84 -27.92
N6 NCO B . 2.63 -5.06 -27.78
K K C . -0.79 -0.94 -0.37
K K D . -1.41 -0.23 6.15
MG MG E . 7.29 2.75 23.57
MG MG F . 8.11 4.73 0.64
MG MG G . 2.72 -2.25 -2.60
MG MG H . -4.22 2.52 10.48
MG MG I . 2.39 1.53 21.88
MG MG J . -2.81 17.47 26.92
MG MG K . -7.88 2.19 38.54
MG MG L . 2.67 -1.35 -19.19
MG MG M . -10.43 -2.32 15.02
NA NA N . -1.69 6.12 25.64
NA NA O . 11.21 3.88 -1.88
NA NA P . -1.07 2.33 18.74
NA NA Q . -15.14 4.20 16.42
C2 MPD R . -6.25 1.25 12.33
O2 MPD R . -5.53 2.40 11.94
#